data_3AT0
#
_entry.id   3AT0
#
_cell.length_a   86.238
_cell.length_b   86.238
_cell.length_c   83.864
_cell.angle_alpha   90.000
_cell.angle_beta   90.000
_cell.angle_gamma   90.000
#
_symmetry.space_group_name_H-M   'P 43'
#
loop_
_entity.id
_entity.type
_entity.pdbx_description
1 polymer 'Clumping factor B'
2 polymer 'C-terminal alpha chain peptide'
3 water water
#
loop_
_entity_poly.entity_id
_entity_poly.type
_entity_poly.pdbx_seq_one_letter_code
_entity_poly.pdbx_strand_id
1 'polypeptide(L)'
;HHHHHHGSGTNVNDKVTASNFKLEKTTFDPNQSGNTFMAANFTVTDKVKSGDYFTAKLPDSLTGNGDVDYSNSNNTMPIA
DIKSTNGDVVAKATYDILTKTYTFVFTDYVNNKENINGQFSLPLFTDRAKAPKSGTYDANINIADEMFNNKITYNYSSPI
AGIDKPNGANISSQIIGVDTASGQNTYKQTVFVNPKQRVLGNTWVYIKGYQDKIEESSGKVSATDTKLRIFEVNDTSKLS
ESYYADPNDSNLKEVTDQFKNRIYYEHPNVASIKFGDITKTYVVLVEGHYDNTGKNLKTQVIQENVDPVTNRDYSIFGWN
NENVVRYGGGSADGDSAV
;
A
2 'polypeptide(L)' GSWNSGSSGTGSTGNQ B
#
# COMPACT_ATOMS: atom_id res chain seq x y z
N GLY A 9 -29.44 3.08 14.86
CA GLY A 9 -30.10 3.70 13.70
C GLY A 9 -30.30 2.64 12.62
N THR A 10 -30.98 3.01 11.55
CA THR A 10 -31.35 2.03 10.58
C THR A 10 -30.67 2.36 9.24
N ASN A 11 -30.43 1.31 8.45
CA ASN A 11 -29.82 1.42 7.16
C ASN A 11 -30.84 2.03 6.22
N VAL A 12 -30.53 3.19 5.69
CA VAL A 12 -31.47 3.86 4.82
C VAL A 12 -30.92 4.04 3.40
N ASN A 13 -30.19 3.04 2.89
CA ASN A 13 -29.75 3.05 1.51
C ASN A 13 -30.93 3.17 0.53
N ASP A 14 -32.06 2.56 0.92
CA ASP A 14 -33.27 2.58 0.09
C ASP A 14 -33.95 3.95 0.07
N LYS A 15 -33.41 4.91 0.82
CA LYS A 15 -33.90 6.29 0.81
C LYS A 15 -32.81 7.30 0.44
N VAL A 16 -31.71 6.82 -0.13
CA VAL A 16 -30.66 7.73 -0.51
C VAL A 16 -30.31 7.42 -1.95
N THR A 17 -30.24 8.45 -2.78
CA THR A 17 -29.90 8.29 -4.18
C THR A 17 -28.72 9.15 -4.57
N ALA A 18 -27.72 8.50 -5.13
CA ALA A 18 -26.53 9.20 -5.55
C ALA A 18 -26.64 9.54 -7.02
N SER A 19 -26.08 10.67 -7.42
CA SER A 19 -26.13 11.05 -8.83
C SER A 19 -24.85 11.79 -9.16
N ASN A 20 -24.74 12.24 -10.41
CA ASN A 20 -23.49 12.54 -11.14
C ASN A 20 -22.15 12.10 -10.60
N PHE A 21 -22.05 10.77 -10.60
CA PHE A 21 -20.91 10.07 -10.15
C PHE A 21 -19.74 10.30 -11.09
N LYS A 22 -18.56 10.58 -10.54
CA LYS A 22 -17.36 10.72 -11.37
C LYS A 22 -16.13 10.00 -10.82
N LEU A 23 -15.42 9.29 -11.69
CA LEU A 23 -14.07 8.86 -11.35
C LEU A 23 -13.11 9.83 -11.99
N GLU A 24 -12.18 10.36 -11.21
CA GLU A 24 -11.24 11.31 -11.77
C GLU A 24 -10.39 10.72 -12.91
N LYS A 25 -9.93 9.49 -12.76
CA LYS A 25 -8.87 8.94 -13.59
C LYS A 25 -9.08 7.41 -13.60
N THR A 26 -8.96 6.78 -14.76
CA THR A 26 -9.23 5.34 -14.82
C THR A 26 -8.02 4.49 -15.22
N THR A 27 -6.88 5.14 -15.43
CA THR A 27 -5.63 4.43 -15.72
C THR A 27 -4.54 5.09 -14.89
N PHE A 28 -3.76 4.28 -14.17
CA PHE A 28 -2.66 4.82 -13.37
C PHE A 28 -1.73 3.73 -12.86
N ASP A 29 -0.61 4.18 -12.28
CA ASP A 29 0.49 3.32 -11.84
C ASP A 29 0.64 3.42 -10.32
N PRO A 30 0.01 2.49 -9.58
CA PRO A 30 0.08 2.49 -8.09
C PRO A 30 1.51 2.34 -7.55
N ASN A 31 2.46 1.88 -8.37
CA ASN A 31 3.85 1.83 -7.95
C ASN A 31 4.60 3.16 -8.12
N GLN A 32 3.94 4.17 -8.67
CA GLN A 32 4.48 5.55 -8.74
C GLN A 32 3.48 6.54 -8.12
N SER A 33 2.85 6.09 -7.04
CA SER A 33 1.86 6.87 -6.31
C SER A 33 0.58 7.17 -7.11
N GLY A 34 0.30 6.40 -8.15
CA GLY A 34 -0.99 6.58 -8.87
C GLY A 34 -2.20 6.35 -7.98
N ASN A 35 -3.22 7.18 -8.10
CA ASN A 35 -4.46 6.93 -7.41
C ASN A 35 -5.55 7.71 -8.11
N THR A 36 -6.78 7.59 -7.60
CA THR A 36 -7.89 8.29 -8.23
C THR A 36 -8.83 8.85 -7.17
N PHE A 37 -10.02 9.30 -7.60
CA PHE A 37 -10.98 9.89 -6.70
C PHE A 37 -12.36 9.52 -7.21
N MET A 38 -13.32 9.38 -6.31
CA MET A 38 -14.70 9.30 -6.73
C MET A 38 -15.43 10.47 -6.15
N ALA A 39 -16.36 11.03 -6.91
CA ALA A 39 -17.16 12.14 -6.43
C ALA A 39 -18.62 11.89 -6.75
N ALA A 40 -19.51 12.38 -5.89
CA ALA A 40 -20.94 12.24 -6.17
C ALA A 40 -21.80 13.17 -5.33
N ASN A 41 -22.94 13.55 -5.91
CA ASN A 41 -23.99 14.19 -5.17
C ASN A 41 -24.86 13.09 -4.61
N PHE A 42 -25.62 13.40 -3.57
CA PHE A 42 -26.66 12.47 -3.16
C PHE A 42 -27.81 13.25 -2.58
N THR A 43 -29.00 12.67 -2.66
CA THR A 43 -30.14 13.33 -2.09
C THR A 43 -30.92 12.29 -1.28
N VAL A 44 -31.47 12.72 -0.15
CA VAL A 44 -32.24 11.85 0.71
C VAL A 44 -33.71 11.98 0.31
N THR A 45 -34.28 10.90 -0.19
CA THR A 45 -35.62 10.98 -0.77
C THR A 45 -36.73 10.82 0.26
N ASP A 46 -36.42 10.50 1.52
CA ASP A 46 -37.47 10.42 2.54
C ASP A 46 -36.97 10.84 3.93
N LYS A 47 -37.88 10.98 4.89
CA LYS A 47 -37.50 11.41 6.23
C LYS A 47 -36.56 10.37 6.85
N VAL A 48 -35.39 10.82 7.30
CA VAL A 48 -34.46 9.94 7.98
C VAL A 48 -34.15 10.58 9.31
N LYS A 49 -33.62 9.80 10.24
CA LYS A 49 -33.38 10.28 11.58
C LYS A 49 -31.87 10.32 11.83
N SER A 50 -31.46 11.16 12.75
CA SER A 50 -30.11 11.16 13.27
C SER A 50 -29.68 9.73 13.67
N GLY A 51 -28.54 9.28 13.16
CA GLY A 51 -28.05 7.95 13.52
C GLY A 51 -28.34 6.93 12.45
N ASP A 52 -29.27 7.25 11.54
CA ASP A 52 -29.48 6.43 10.34
C ASP A 52 -28.28 6.59 9.40
N TYR A 53 -28.08 5.64 8.49
CA TYR A 53 -26.88 5.61 7.69
C TYR A 53 -27.10 4.99 6.32
N PHE A 54 -26.23 5.39 5.39
CA PHE A 54 -26.13 4.71 4.11
C PHE A 54 -24.68 4.33 3.86
N THR A 55 -24.42 3.43 2.92
CA THR A 55 -23.07 2.91 2.74
C THR A 55 -22.63 3.05 1.29
N ALA A 56 -21.32 2.91 1.07
CA ALA A 56 -20.71 2.76 -0.24
C ALA A 56 -19.78 1.56 -0.17
N LYS A 57 -19.92 0.64 -1.10
CA LYS A 57 -19.18 -0.60 -1.05
C LYS A 57 -18.26 -0.70 -2.27
N LEU A 58 -16.95 -0.77 -2.00
CA LEU A 58 -15.94 -0.88 -3.07
C LEU A 58 -15.77 -2.31 -3.59
N PRO A 59 -15.44 -2.46 -4.88
CA PRO A 59 -15.22 -3.76 -5.50
C PRO A 59 -13.83 -4.30 -5.20
N ASP A 60 -13.59 -5.54 -5.61
CA ASP A 60 -12.31 -6.18 -5.43
C ASP A 60 -11.13 -5.30 -5.77
N SER A 61 -11.21 -4.58 -6.89
CA SER A 61 -10.04 -3.92 -7.46
C SER A 61 -9.64 -2.63 -6.74
N LEU A 62 -10.49 -2.15 -5.83
CA LEU A 62 -10.21 -0.89 -5.10
C LEU A 62 -10.16 -0.99 -3.56
N THR A 63 -9.49 -0.03 -2.94
CA THR A 63 -9.49 0.15 -1.49
C THR A 63 -9.63 1.64 -1.26
N GLY A 64 -10.14 2.00 -0.08
CA GLY A 64 -10.26 3.41 0.28
C GLY A 64 -9.06 3.94 1.05
N ASN A 65 -8.12 3.07 1.43
CA ASN A 65 -6.97 3.48 2.25
C ASN A 65 -5.63 3.42 1.51
N GLY A 66 -5.51 2.59 0.47
CA GLY A 66 -4.23 2.49 -0.25
C GLY A 66 -3.13 2.00 0.67
N ASP A 67 -2.01 2.72 0.62
CA ASP A 67 -0.81 2.35 1.35
C ASP A 67 -0.78 2.92 2.78
N VAL A 68 -1.92 3.37 3.28
CA VAL A 68 -2.00 3.78 4.67
C VAL A 68 -2.68 2.64 5.39
N ASP A 69 -2.04 2.16 6.45
CA ASP A 69 -2.46 0.95 7.15
C ASP A 69 -3.21 1.33 8.42
N TYR A 70 -4.38 0.76 8.62
CA TYR A 70 -5.19 1.11 9.78
C TYR A 70 -5.34 -0.05 10.73
N SER A 71 -4.56 -1.10 10.52
CA SER A 71 -4.63 -2.24 11.38
C SER A 71 -4.43 -1.92 12.88
N ASN A 72 -3.74 -0.81 13.19
CA ASN A 72 -3.55 -0.38 14.59
C ASN A 72 -4.62 0.62 15.03
N SER A 73 -5.63 0.84 14.20
CA SER A 73 -6.78 1.70 14.60
C SER A 73 -8.08 0.92 14.45
N ASN A 74 -8.12 -0.28 15.02
CA ASN A 74 -9.28 -1.14 14.88
C ASN A 74 -9.63 -1.45 13.47
N ASN A 75 -8.69 -1.25 12.57
CA ASN A 75 -8.91 -1.57 11.18
C ASN A 75 -10.02 -0.71 10.58
N THR A 76 -10.10 0.52 11.05
CA THR A 76 -11.12 1.46 10.65
C THR A 76 -10.45 2.74 10.28
N MET A 77 -10.82 3.26 9.12
CA MET A 77 -10.23 4.49 8.65
C MET A 77 -11.20 5.66 8.87
N PRO A 78 -10.76 6.68 9.61
CA PRO A 78 -11.52 7.95 9.74
C PRO A 78 -11.62 8.67 8.42
N ILE A 79 -12.79 9.25 8.15
CA ILE A 79 -13.06 9.98 6.92
C ILE A 79 -13.65 11.33 7.28
N ALA A 80 -13.27 12.34 6.51
CA ALA A 80 -13.73 13.74 6.73
C ALA A 80 -15.26 13.80 6.67
N ASP A 81 -15.83 14.68 7.49
CA ASP A 81 -17.28 14.82 7.61
C ASP A 81 -17.90 15.07 6.24
N ILE A 82 -19.06 14.50 6.04
CA ILE A 82 -19.80 14.72 4.79
C ILE A 82 -20.62 16.01 4.92
N LYS A 83 -20.51 16.87 3.94
CA LYS A 83 -21.19 18.15 3.98
C LYS A 83 -22.49 18.17 3.20
N SER A 84 -23.44 18.92 3.71
CA SER A 84 -24.64 19.30 2.96
C SER A 84 -24.28 20.30 1.85
N THR A 85 -25.14 20.50 0.86
CA THR A 85 -24.87 21.57 -0.12
C THR A 85 -24.75 22.93 0.57
N ASN A 86 -25.30 23.09 1.77
CA ASN A 86 -25.27 24.38 2.45
C ASN A 86 -24.02 24.59 3.31
N GLY A 87 -23.10 23.61 3.29
CA GLY A 87 -21.80 23.76 3.93
C GLY A 87 -21.73 23.10 5.29
N ASP A 88 -22.87 22.85 5.92
CA ASP A 88 -22.90 22.19 7.23
C ASP A 88 -22.74 20.69 7.11
N VAL A 89 -22.34 20.08 8.21
CA VAL A 89 -22.10 18.67 8.27
C VAL A 89 -23.44 17.93 8.24
N VAL A 90 -23.57 17.02 7.28
CA VAL A 90 -24.76 16.21 7.23
C VAL A 90 -24.55 14.80 7.82
N ALA A 91 -23.31 14.29 7.77
CA ALA A 91 -23.04 12.92 8.26
C ALA A 91 -21.58 12.73 8.66
N LYS A 92 -21.35 11.90 9.68
CA LYS A 92 -19.99 11.45 10.05
C LYS A 92 -19.64 10.25 9.20
N ALA A 93 -18.37 10.10 8.85
CA ALA A 93 -18.01 8.98 7.97
C ALA A 93 -16.84 8.17 8.51
N THR A 94 -16.84 6.87 8.22
CA THR A 94 -15.69 6.00 8.50
C THR A 94 -15.68 4.98 7.40
N TYR A 95 -14.49 4.45 7.12
CA TYR A 95 -14.30 3.39 6.16
C TYR A 95 -13.82 2.11 6.86
N ASP A 96 -14.52 1.01 6.61
CA ASP A 96 -14.13 -0.26 7.21
C ASP A 96 -13.24 -1.05 6.26
N ILE A 97 -12.02 -1.33 6.69
CA ILE A 97 -11.03 -2.00 5.84
C ILE A 97 -11.41 -3.42 5.45
N LEU A 98 -11.97 -4.18 6.39
CA LEU A 98 -12.32 -5.57 6.12
C LEU A 98 -13.42 -5.68 5.06
N THR A 99 -14.49 -4.91 5.25
CA THR A 99 -15.61 -5.00 4.32
C THR A 99 -15.50 -3.97 3.17
N LYS A 100 -14.44 -3.15 3.17
CA LYS A 100 -14.24 -2.15 2.11
C LYS A 100 -15.53 -1.31 1.90
N THR A 101 -16.08 -0.86 3.01
CA THR A 101 -17.34 -0.19 3.03
C THR A 101 -17.25 1.12 3.78
N TYR A 102 -17.69 2.19 3.14
CA TYR A 102 -17.89 3.47 3.85
C TYR A 102 -19.26 3.49 4.49
N THR A 103 -19.33 3.90 5.75
CA THR A 103 -20.61 4.10 6.44
C THR A 103 -20.76 5.59 6.76
N PHE A 104 -21.82 6.20 6.22
CA PHE A 104 -22.10 7.62 6.43
C PHE A 104 -23.30 7.71 7.39
N VAL A 105 -23.05 8.15 8.63
CA VAL A 105 -24.04 8.22 9.68
C VAL A 105 -24.53 9.65 9.79
N PHE A 106 -25.80 9.87 9.46
CA PHE A 106 -26.43 11.19 9.54
C PHE A 106 -26.35 11.76 10.97
N THR A 107 -26.01 13.03 11.09
CA THR A 107 -26.05 13.73 12.37
C THR A 107 -27.46 14.30 12.68
N ASP A 108 -27.56 15.07 13.76
CA ASP A 108 -28.77 15.80 14.11
C ASP A 108 -29.24 16.75 13.02
N TYR A 109 -28.32 17.11 12.12
CA TYR A 109 -28.63 17.93 10.96
C TYR A 109 -29.96 17.58 10.32
N VAL A 110 -30.19 16.28 10.07
CA VAL A 110 -31.37 15.81 9.33
C VAL A 110 -32.71 15.91 10.09
N ASN A 111 -32.68 16.24 11.38
CA ASN A 111 -33.90 16.16 12.19
C ASN A 111 -34.92 17.20 11.80
N ASN A 112 -34.46 18.35 11.31
CA ASN A 112 -35.39 19.44 11.00
C ASN A 112 -35.58 19.76 9.50
N LYS A 113 -35.25 18.82 8.61
CA LYS A 113 -35.16 19.20 7.20
C LYS A 113 -35.78 18.20 6.25
N GLU A 114 -36.11 18.68 5.05
CA GLU A 114 -36.58 17.81 3.95
C GLU A 114 -35.75 18.20 2.74
N ASN A 115 -35.81 17.45 1.65
CA ASN A 115 -35.05 17.84 0.47
C ASN A 115 -33.58 17.99 0.85
N ILE A 116 -33.03 16.98 1.52
CA ILE A 116 -31.62 17.00 1.94
C ILE A 116 -30.71 16.61 0.77
N ASN A 117 -29.82 17.53 0.38
CA ASN A 117 -28.81 17.29 -0.63
C ASN A 117 -27.39 17.49 -0.06
N GLY A 118 -26.47 16.62 -0.46
CA GLY A 118 -25.09 16.73 -0.06
C GLY A 118 -24.22 16.21 -1.18
N GLN A 119 -22.94 16.00 -0.88
CA GLN A 119 -22.04 15.50 -1.87
C GLN A 119 -20.75 15.07 -1.16
N PHE A 120 -20.00 14.19 -1.80
CA PHE A 120 -18.74 13.78 -1.24
C PHE A 120 -17.73 13.55 -2.37
N SER A 121 -16.47 13.58 -1.98
CA SER A 121 -15.37 13.33 -2.87
C SER A 121 -14.38 12.43 -2.09
N LEU A 122 -13.98 11.29 -2.63
CA LEU A 122 -13.16 10.34 -1.86
C LEU A 122 -12.03 9.71 -2.69
N PRO A 123 -10.80 9.78 -2.15
CA PRO A 123 -9.70 9.15 -2.87
C PRO A 123 -9.89 7.63 -2.92
N LEU A 124 -9.41 7.05 -4.01
CA LEU A 124 -9.48 5.63 -4.22
C LEU A 124 -8.12 5.13 -4.71
N PHE A 125 -7.79 3.90 -4.36
CA PHE A 125 -6.47 3.34 -4.60
C PHE A 125 -6.65 1.93 -5.06
N THR A 126 -5.59 1.32 -5.56
CA THR A 126 -5.67 -0.09 -5.94
C THR A 126 -5.85 -0.95 -4.70
N ASP A 127 -6.24 -2.20 -4.92
CA ASP A 127 -6.18 -3.20 -3.91
C ASP A 127 -5.05 -4.07 -4.38
N ARG A 128 -3.90 -3.95 -3.72
CA ARG A 128 -2.67 -4.63 -4.16
C ARG A 128 -2.79 -6.14 -4.04
N ALA A 129 -3.61 -6.61 -3.11
CA ALA A 129 -3.83 -8.05 -3.01
C ALA A 129 -4.77 -8.61 -4.08
N LYS A 130 -5.85 -7.91 -4.39
CA LYS A 130 -6.86 -8.47 -5.32
C LYS A 130 -6.64 -8.09 -6.77
N ALA A 131 -5.86 -7.04 -6.99
CA ALA A 131 -5.44 -6.68 -8.33
C ALA A 131 -3.89 -6.77 -8.40
N PRO A 132 -3.33 -7.97 -8.20
CA PRO A 132 -1.86 -8.08 -8.06
C PRO A 132 -1.09 -7.92 -9.35
N LYS A 133 -1.74 -8.07 -10.51
CA LYS A 133 -1.07 -7.92 -11.82
C LYS A 133 -1.54 -6.70 -12.60
N SER A 134 -0.65 -6.14 -13.40
CA SER A 134 -0.99 -5.11 -14.37
C SER A 134 -2.11 -5.61 -15.30
N GLY A 135 -3.05 -4.73 -15.62
CA GLY A 135 -4.15 -5.11 -16.45
C GLY A 135 -5.36 -4.29 -16.11
N THR A 136 -6.51 -4.68 -16.68
CA THR A 136 -7.72 -3.89 -16.60
C THR A 136 -8.69 -4.68 -15.77
N TYR A 137 -9.34 -4.01 -14.82
CA TYR A 137 -10.27 -4.67 -13.92
C TYR A 137 -11.59 -3.94 -13.92
N ASP A 138 -12.65 -4.68 -13.62
CA ASP A 138 -13.91 -4.02 -13.30
C ASP A 138 -13.76 -3.25 -11.99
N ALA A 139 -14.45 -2.14 -11.88
CA ALA A 139 -14.39 -1.28 -10.72
C ALA A 139 -15.79 -0.70 -10.51
N ASN A 140 -16.73 -1.58 -10.28
CA ASN A 140 -18.13 -1.21 -10.10
C ASN A 140 -18.36 -0.85 -8.66
N ILE A 141 -18.90 0.32 -8.42
CA ILE A 141 -19.00 0.83 -7.06
C ILE A 141 -20.46 0.91 -6.63
N ASN A 142 -20.76 0.43 -5.44
CA ASN A 142 -22.13 0.40 -4.96
C ASN A 142 -22.34 1.54 -3.98
N ILE A 143 -23.08 2.58 -4.38
CA ILE A 143 -23.42 3.68 -3.47
C ILE A 143 -24.93 3.69 -3.18
N ALA A 144 -25.28 3.56 -1.90
CA ALA A 144 -26.67 3.56 -1.47
C ALA A 144 -27.49 2.53 -2.26
N ASP A 145 -26.91 1.34 -2.38
CA ASP A 145 -27.54 0.26 -3.12
C ASP A 145 -27.81 0.55 -4.60
N GLU A 146 -26.86 1.20 -5.25
CA GLU A 146 -26.93 1.40 -6.68
C GLU A 146 -25.54 1.23 -7.26
N MET A 147 -25.47 0.66 -8.46
CA MET A 147 -24.19 0.39 -9.09
C MET A 147 -23.75 1.55 -9.97
N PHE A 148 -22.48 1.92 -9.87
CA PHE A 148 -21.93 2.89 -10.77
C PHE A 148 -20.74 2.19 -11.36
N ASN A 149 -20.84 1.84 -12.64
CA ASN A 149 -19.88 0.92 -13.24
C ASN A 149 -18.68 1.62 -13.87
N ASN A 150 -17.52 0.97 -13.78
CA ASN A 150 -16.26 1.51 -14.28
C ASN A 150 -15.31 0.39 -14.66
N LYS A 151 -14.30 0.72 -15.46
CA LYS A 151 -13.15 -0.16 -15.70
C LYS A 151 -11.94 0.59 -15.20
N ILE A 152 -10.97 -0.12 -14.65
CA ILE A 152 -9.75 0.53 -14.18
C ILE A 152 -8.57 -0.25 -14.70
N THR A 153 -7.55 0.48 -15.14
CA THR A 153 -6.36 -0.13 -15.65
C THR A 153 -5.18 0.24 -14.76
N TYR A 154 -4.49 -0.79 -14.28
CA TYR A 154 -3.28 -0.56 -13.49
C TYR A 154 -2.11 -0.91 -14.36
N ASN A 155 -1.22 0.05 -14.58
CA ASN A 155 0.06 -0.22 -15.21
C ASN A 155 1.10 -0.09 -14.09
N TYR A 156 1.31 -1.18 -13.36
CA TYR A 156 2.27 -1.18 -12.27
C TYR A 156 3.70 -1.09 -12.84
N SER A 157 4.48 -0.11 -12.42
CA SER A 157 5.93 -0.18 -12.73
C SER A 157 6.43 -1.53 -12.27
N SER A 158 7.21 -2.19 -13.09
CA SER A 158 7.54 -3.58 -12.82
C SER A 158 8.52 -3.73 -11.64
N PRO A 159 8.22 -4.61 -10.70
CA PRO A 159 9.21 -4.86 -9.64
C PRO A 159 10.48 -5.55 -10.18
N ILE A 160 10.46 -6.01 -11.42
CA ILE A 160 11.57 -6.77 -11.96
C ILE A 160 12.60 -5.76 -12.50
N ALA A 161 13.62 -5.44 -11.72
CA ALA A 161 14.56 -4.41 -12.13
C ALA A 161 15.97 -4.76 -11.72
N GLY A 162 16.95 -4.29 -12.45
CA GLY A 162 18.35 -4.43 -12.04
C GLY A 162 19.32 -4.16 -13.17
N ILE A 163 20.60 -4.42 -12.92
CA ILE A 163 21.66 -4.28 -13.88
C ILE A 163 21.36 -5.24 -15.00
N ASP A 164 21.43 -4.73 -16.23
CA ASP A 164 21.10 -5.51 -17.41
C ASP A 164 22.24 -6.46 -17.82
N LYS A 165 22.56 -7.42 -16.96
CA LYS A 165 23.54 -8.45 -17.20
C LYS A 165 23.00 -9.74 -16.55
N PRO A 166 23.22 -10.91 -17.18
CA PRO A 166 22.79 -12.23 -16.68
C PRO A 166 23.29 -12.53 -15.26
N ASN A 167 24.38 -11.90 -14.86
CA ASN A 167 24.88 -12.02 -13.49
C ASN A 167 24.78 -10.73 -12.66
N GLY A 168 23.89 -9.81 -13.03
CA GLY A 168 23.89 -8.51 -12.34
C GLY A 168 22.99 -8.40 -11.12
N ALA A 169 23.39 -7.53 -10.20
CA ALA A 169 22.58 -7.23 -9.05
C ALA A 169 21.22 -6.76 -9.50
N ASN A 170 20.17 -7.29 -8.84
CA ASN A 170 18.80 -6.89 -9.17
C ASN A 170 17.90 -7.07 -7.93
N ILE A 171 17.08 -6.06 -7.63
CA ILE A 171 16.27 -6.05 -6.42
C ILE A 171 15.32 -4.87 -6.51
N SER A 172 14.15 -4.96 -5.90
CA SER A 172 13.25 -3.81 -5.74
C SER A 172 12.42 -4.01 -4.46
N SER A 173 11.68 -2.98 -4.08
CA SER A 173 10.85 -3.01 -2.88
C SER A 173 9.73 -1.99 -3.04
N GLN A 174 8.75 -2.00 -2.14
CA GLN A 174 7.66 -1.02 -2.11
C GLN A 174 7.06 -0.98 -0.71
N ILE A 175 6.85 0.23 -0.19
CA ILE A 175 6.20 0.34 1.10
C ILE A 175 4.70 0.30 0.88
N ILE A 176 4.05 -0.76 1.35
CA ILE A 176 2.62 -0.96 1.06
C ILE A 176 1.72 -0.74 2.29
N GLY A 177 2.29 -0.25 3.38
CA GLY A 177 1.50 0.01 4.59
C GLY A 177 2.24 0.92 5.54
N VAL A 178 1.67 2.09 5.79
CA VAL A 178 2.23 3.03 6.77
C VAL A 178 1.12 3.39 7.74
N ASP A 179 1.37 3.13 9.02
CA ASP A 179 0.41 3.48 10.07
C ASP A 179 0.63 4.92 10.46
N THR A 180 -0.20 5.82 9.98
CA THR A 180 -0.02 7.25 10.27
C THR A 180 -0.92 7.71 11.42
N ALA A 181 -1.85 6.86 11.86
CA ALA A 181 -2.89 7.30 12.81
C ALA A 181 -2.69 6.86 14.26
N SER A 182 -2.15 5.67 14.50
CA SER A 182 -2.25 5.15 15.86
C SER A 182 -1.21 5.71 16.81
N GLY A 183 -0.10 6.22 16.27
CA GLY A 183 1.01 6.65 17.09
C GLY A 183 2.11 5.59 17.25
N GLN A 184 1.79 4.32 16.98
CA GLN A 184 2.79 3.25 16.97
C GLN A 184 3.83 3.40 15.86
N ASN A 185 3.46 4.08 14.77
CA ASN A 185 4.41 4.35 13.67
C ASN A 185 5.04 3.11 12.98
N THR A 186 4.21 2.15 12.60
CA THR A 186 4.69 0.97 11.93
C THR A 186 4.63 1.11 10.41
N TYR A 187 5.38 0.27 9.71
CA TYR A 187 5.24 0.18 8.27
C TYR A 187 5.54 -1.22 7.76
N LYS A 188 4.95 -1.54 6.61
CA LYS A 188 5.14 -2.82 5.97
C LYS A 188 5.82 -2.59 4.62
N GLN A 189 6.80 -3.41 4.29
CA GLN A 189 7.52 -3.22 3.05
C GLN A 189 7.87 -4.59 2.50
N THR A 190 7.62 -4.77 1.19
CA THR A 190 7.96 -5.99 0.50
C THR A 190 9.21 -5.74 -0.28
N VAL A 191 10.18 -6.64 -0.16
CA VAL A 191 11.41 -6.54 -0.93
C VAL A 191 11.50 -7.80 -1.76
N PHE A 192 11.64 -7.66 -3.09
CA PHE A 192 11.94 -8.83 -3.91
C PHE A 192 13.45 -8.85 -4.13
N VAL A 193 14.12 -9.90 -3.64
CA VAL A 193 15.56 -10.11 -3.82
C VAL A 193 15.72 -11.04 -5.03
N ASN A 194 16.57 -10.63 -5.97
CA ASN A 194 16.85 -11.40 -7.20
C ASN A 194 15.56 -11.73 -7.98
N PRO A 195 14.71 -10.72 -8.25
CA PRO A 195 13.46 -11.04 -9.01
C PRO A 195 13.71 -11.58 -10.42
N LYS A 196 14.90 -11.33 -10.97
CA LYS A 196 15.31 -11.89 -12.24
C LYS A 196 15.65 -13.37 -12.12
N GLN A 197 15.83 -13.83 -10.89
CA GLN A 197 16.23 -15.20 -10.62
C GLN A 197 17.51 -15.59 -11.35
N ARG A 198 18.55 -14.78 -11.19
CA ARG A 198 19.84 -15.05 -11.80
C ARG A 198 20.64 -15.91 -10.84
N VAL A 199 21.76 -16.43 -11.31
CA VAL A 199 22.67 -17.23 -10.51
C VAL A 199 23.71 -16.24 -10.00
N LEU A 200 23.74 -16.03 -8.69
CA LEU A 200 24.59 -14.97 -8.13
C LEU A 200 25.49 -15.46 -6.99
N GLY A 201 26.66 -14.85 -6.82
CA GLY A 201 27.57 -15.28 -5.76
C GLY A 201 27.81 -14.21 -4.71
N ASN A 202 28.08 -14.66 -3.47
CA ASN A 202 28.43 -13.76 -2.37
C ASN A 202 27.46 -12.58 -2.30
N THR A 203 26.17 -12.89 -2.44
CA THR A 203 25.12 -11.87 -2.46
C THR A 203 24.85 -11.30 -1.07
N TRP A 204 24.82 -9.96 -1.01
CA TRP A 204 24.48 -9.21 0.18
C TRP A 204 23.30 -8.28 -0.11
N VAL A 205 22.37 -8.19 0.83
CA VAL A 205 21.25 -7.26 0.68
C VAL A 205 21.22 -6.31 1.87
N TYR A 206 21.04 -5.03 1.62
CA TYR A 206 21.01 -4.03 2.67
C TYR A 206 19.68 -3.36 2.64
N ILE A 207 19.04 -3.30 3.79
CA ILE A 207 17.77 -2.61 3.89
C ILE A 207 17.97 -1.40 4.77
N LYS A 208 17.91 -0.22 4.18
CA LYS A 208 18.19 1.03 4.88
C LYS A 208 16.92 1.81 5.25
N GLY A 209 16.96 2.54 6.36
CA GLY A 209 15.81 3.31 6.75
C GLY A 209 15.92 4.73 6.27
N TYR A 210 16.79 4.96 5.28
CA TYR A 210 17.04 6.27 4.72
C TYR A 210 17.62 6.07 3.29
N GLN A 211 17.83 7.15 2.55
CA GLN A 211 18.40 7.06 1.22
C GLN A 211 19.87 7.51 1.17
N ASP A 212 20.08 8.80 0.93
CA ASP A 212 21.40 9.39 0.83
C ASP A 212 21.79 9.94 2.20
N LYS A 213 20.89 10.69 2.82
CA LYS A 213 21.16 11.33 4.12
C LYS A 213 20.29 10.72 5.19
N ILE A 214 20.92 10.27 6.26
CA ILE A 214 20.21 9.66 7.37
C ILE A 214 19.24 10.62 8.09
N GLU A 215 19.54 11.92 8.11
CA GLU A 215 18.72 12.87 8.85
C GLU A 215 17.52 13.35 8.04
N GLU A 216 17.41 12.90 6.81
CA GLU A 216 16.26 13.27 5.98
C GLU A 216 15.19 12.19 5.90
N SER A 217 15.31 11.15 6.72
CA SER A 217 14.29 10.11 6.75
C SER A 217 13.84 9.82 8.18
N SER A 218 12.56 9.51 8.35
CA SER A 218 12.07 9.12 9.67
C SER A 218 12.27 7.62 9.89
N GLY A 219 12.73 6.93 8.85
CA GLY A 219 12.99 5.51 8.95
C GLY A 219 13.86 5.12 10.14
N LYS A 220 13.58 3.95 10.69
CA LYS A 220 14.23 3.49 11.91
C LYS A 220 14.41 1.99 11.76
N VAL A 221 15.59 1.57 11.32
CA VAL A 221 15.88 0.15 11.10
C VAL A 221 16.91 -0.29 12.14
N SER A 222 16.60 -1.34 12.90
CA SER A 222 17.52 -1.80 13.95
C SER A 222 17.05 -3.16 14.40
N ALA A 223 17.80 -3.79 15.27
CA ALA A 223 17.43 -5.10 15.79
C ALA A 223 16.14 -5.08 16.61
N THR A 224 15.81 -3.96 17.26
CA THR A 224 14.56 -3.88 18.02
C THR A 224 13.42 -3.24 17.22
N ASP A 225 13.74 -2.46 16.20
CA ASP A 225 12.70 -1.77 15.42
C ASP A 225 12.17 -2.54 14.21
N THR A 226 12.86 -3.61 13.81
CA THR A 226 12.59 -4.25 12.52
C THR A 226 12.49 -5.75 12.66
N LYS A 227 11.48 -6.32 12.00
CA LYS A 227 11.37 -7.75 11.91
C LYS A 227 11.38 -8.12 10.47
N LEU A 228 12.12 -9.16 10.16
CA LEU A 228 12.26 -9.64 8.80
C LEU A 228 11.76 -11.07 8.66
N ARG A 229 11.01 -11.35 7.61
CA ARG A 229 10.73 -12.71 7.27
C ARG A 229 11.15 -12.92 5.83
N ILE A 230 11.82 -14.03 5.58
CA ILE A 230 12.45 -14.26 4.30
C ILE A 230 11.85 -15.52 3.69
N PHE A 231 11.48 -15.46 2.41
CA PHE A 231 10.86 -16.59 1.73
C PHE A 231 11.56 -16.94 0.43
N GLU A 232 11.70 -18.24 0.20
CA GLU A 232 12.19 -18.73 -1.06
C GLU A 232 11.00 -18.84 -2.01
N VAL A 233 11.10 -18.23 -3.18
CA VAL A 233 9.99 -18.28 -4.13
C VAL A 233 10.09 -19.51 -4.99
N ASN A 234 8.97 -20.21 -5.16
CA ASN A 234 8.97 -21.38 -6.00
C ASN A 234 8.79 -21.03 -7.49
N ASP A 235 7.59 -20.57 -7.84
CA ASP A 235 7.28 -20.16 -9.18
C ASP A 235 7.24 -18.63 -9.22
N THR A 236 8.30 -18.06 -9.76
CA THR A 236 8.46 -16.61 -9.88
C THR A 236 7.38 -15.90 -10.71
N SER A 237 6.78 -16.59 -11.66
CA SER A 237 5.75 -15.99 -12.51
C SER A 237 4.48 -15.68 -11.73
N LYS A 238 4.31 -16.26 -10.54
CA LYS A 238 3.14 -15.93 -9.72
C LYS A 238 3.35 -14.74 -8.78
N LEU A 239 4.52 -14.12 -8.79
CA LEU A 239 4.76 -12.97 -7.90
C LEU A 239 3.96 -11.76 -8.37
N SER A 240 3.56 -10.91 -7.44
CA SER A 240 2.77 -9.75 -7.77
C SER A 240 3.61 -8.61 -8.39
N GLU A 241 2.91 -7.74 -9.08
CA GLU A 241 3.46 -6.48 -9.49
C GLU A 241 3.05 -5.39 -8.60
N SER A 242 2.05 -5.68 -7.77
CA SER A 242 1.58 -4.74 -6.80
C SER A 242 2.48 -4.73 -5.56
N TYR A 243 3.41 -5.69 -5.47
CA TYR A 243 4.22 -5.94 -4.25
C TYR A 243 3.48 -6.58 -3.09
N TYR A 244 2.21 -6.92 -3.29
CA TYR A 244 1.56 -7.68 -2.29
C TYR A 244 2.17 -9.08 -2.22
N ALA A 245 2.31 -9.59 -1.01
CA ALA A 245 2.87 -10.93 -0.83
C ALA A 245 2.35 -11.53 0.49
N ASP A 246 1.59 -12.59 0.36
CA ASP A 246 0.99 -13.29 1.48
C ASP A 246 2.01 -14.33 2.08
N PRO A 247 2.54 -14.06 3.29
CA PRO A 247 3.53 -15.01 3.86
C PRO A 247 3.04 -16.46 3.97
N ASN A 248 1.72 -16.69 3.91
CA ASN A 248 1.15 -18.06 4.01
C ASN A 248 0.86 -18.69 2.65
N ASP A 249 1.31 -18.01 1.60
CA ASP A 249 1.15 -18.49 0.26
C ASP A 249 2.04 -19.72 0.07
N SER A 250 1.47 -20.78 -0.48
CA SER A 250 2.22 -22.01 -0.69
C SER A 250 3.26 -21.92 -1.80
N ASN A 251 3.26 -20.83 -2.58
CA ASN A 251 4.28 -20.62 -3.59
C ASN A 251 5.55 -20.08 -2.93
N LEU A 252 5.47 -19.78 -1.64
CA LEU A 252 6.58 -19.28 -0.86
C LEU A 252 6.97 -20.30 0.20
N LYS A 253 8.27 -20.52 0.38
CA LYS A 253 8.74 -21.41 1.42
C LYS A 253 9.53 -20.58 2.41
N GLU A 254 8.98 -20.38 3.61
CA GLU A 254 9.70 -19.57 4.61
C GLU A 254 11.03 -20.21 4.99
N VAL A 255 12.04 -19.37 5.07
CA VAL A 255 13.38 -19.77 5.42
C VAL A 255 13.96 -18.80 6.43
N THR A 256 13.11 -18.01 7.07
CA THR A 256 13.55 -17.10 8.13
C THR A 256 14.52 -17.72 9.16
N ASP A 257 14.20 -18.92 9.63
CA ASP A 257 15.00 -19.56 10.67
C ASP A 257 16.41 -19.78 10.19
N GLN A 258 16.54 -20.22 8.93
CA GLN A 258 17.85 -20.42 8.33
C GLN A 258 18.62 -19.17 8.19
N PHE A 259 18.00 -18.01 8.43
CA PHE A 259 18.71 -16.72 8.34
C PHE A 259 18.99 -16.08 9.66
N LYS A 260 18.61 -16.77 10.73
CA LYS A 260 18.80 -16.24 12.07
C LYS A 260 20.22 -15.73 12.29
N ASN A 261 21.23 -16.37 11.67
CA ASN A 261 22.58 -15.84 11.81
C ASN A 261 23.19 -15.15 10.60
N ARG A 262 22.37 -14.99 9.54
CA ARG A 262 22.78 -14.31 8.32
C ARG A 262 22.24 -12.85 8.25
N ILE A 263 21.79 -12.31 9.38
CA ILE A 263 21.24 -10.95 9.45
C ILE A 263 21.98 -10.18 10.51
N TYR A 264 22.50 -9.03 10.13
CA TYR A 264 23.38 -8.23 10.96
C TYR A 264 22.93 -6.80 11.01
N TYR A 265 23.14 -6.15 12.15
CA TYR A 265 22.84 -4.77 12.29
C TYR A 265 24.15 -4.06 12.57
N GLU A 266 25.01 -4.00 11.56
CA GLU A 266 26.36 -3.45 11.74
C GLU A 266 26.43 -1.93 11.59
N HIS A 267 25.49 -1.32 10.86
CA HIS A 267 25.52 0.12 10.56
C HIS A 267 24.24 0.88 10.94
N PRO A 268 24.33 2.17 11.26
CA PRO A 268 23.12 2.86 11.71
C PRO A 268 22.03 2.86 10.67
N ASN A 269 20.86 2.38 11.08
CA ASN A 269 19.69 2.43 10.24
C ASN A 269 19.82 1.51 9.01
N VAL A 270 20.55 0.40 9.18
CA VAL A 270 20.70 -0.55 8.10
C VAL A 270 20.67 -2.00 8.59
N ALA A 271 19.88 -2.83 7.92
CA ALA A 271 19.87 -4.27 8.13
C ALA A 271 20.64 -4.91 7.00
N SER A 272 21.62 -5.74 7.32
CA SER A 272 22.49 -6.35 6.31
C SER A 272 22.18 -7.81 6.28
N ILE A 273 21.91 -8.33 5.09
CA ILE A 273 21.55 -9.74 5.03
C ILE A 273 22.47 -10.47 4.10
N LYS A 274 23.00 -11.59 4.57
CA LYS A 274 23.98 -12.34 3.80
C LYS A 274 23.23 -13.44 3.11
N PHE A 275 22.90 -13.21 1.84
CA PHE A 275 22.28 -14.26 1.03
C PHE A 275 23.24 -15.32 0.50
N GLY A 276 24.49 -14.96 0.24
CA GLY A 276 25.47 -15.92 -0.30
C GLY A 276 25.27 -16.27 -1.76
N ASP A 277 25.61 -17.50 -2.13
CA ASP A 277 25.40 -17.97 -3.49
C ASP A 277 23.98 -18.38 -3.64
N ILE A 278 23.23 -17.78 -4.56
CA ILE A 278 21.79 -18.07 -4.71
C ILE A 278 21.41 -18.33 -6.15
N THR A 279 20.30 -19.05 -6.33
CA THR A 279 19.77 -19.30 -7.66
C THR A 279 18.26 -19.11 -7.67
N LYS A 280 17.72 -18.52 -6.61
CA LYS A 280 16.28 -18.37 -6.46
C LYS A 280 15.92 -16.91 -6.23
N THR A 281 14.63 -16.61 -6.36
CA THR A 281 14.12 -15.30 -6.00
C THR A 281 13.63 -15.41 -4.57
N TYR A 282 13.87 -14.37 -3.76
CA TYR A 282 13.38 -14.35 -2.40
C TYR A 282 12.46 -13.18 -2.15
N VAL A 283 11.55 -13.37 -1.22
CA VAL A 283 10.68 -12.30 -0.75
C VAL A 283 11.11 -11.99 0.68
N VAL A 284 11.44 -10.73 0.95
CA VAL A 284 11.73 -10.29 2.30
C VAL A 284 10.59 -9.39 2.75
N LEU A 285 9.81 -9.86 3.74
CA LEU A 285 8.76 -9.04 4.32
C LEU A 285 9.29 -8.30 5.51
N VAL A 286 9.18 -6.98 5.44
CA VAL A 286 9.72 -6.10 6.44
C VAL A 286 8.60 -5.51 7.29
N GLU A 287 8.77 -5.51 8.60
CA GLU A 287 7.88 -4.77 9.48
C GLU A 287 8.72 -3.80 10.26
N GLY A 288 8.52 -2.52 10.01
CA GLY A 288 9.43 -1.52 10.55
C GLY A 288 8.74 -0.50 11.42
N HIS A 289 9.51 0.50 11.82
CA HIS A 289 8.96 1.65 12.56
C HIS A 289 9.62 2.89 11.99
N TYR A 290 8.99 4.04 12.20
CA TYR A 290 9.58 5.31 11.82
C TYR A 290 9.47 6.24 13.02
N ASP A 291 10.28 7.29 13.06
CA ASP A 291 10.40 8.16 14.24
C ASP A 291 9.34 9.25 14.23
N ASN A 292 9.42 10.20 15.19
CA ASN A 292 8.44 11.28 15.33
C ASN A 292 8.84 12.65 14.82
N THR A 293 9.78 12.71 13.89
CA THR A 293 10.29 13.99 13.40
C THR A 293 9.36 14.63 12.36
N GLY A 294 8.46 13.84 11.79
CA GLY A 294 7.54 14.34 10.78
C GLY A 294 8.11 14.22 9.37
N LYS A 295 9.35 13.71 9.29
CA LYS A 295 10.03 13.49 8.04
C LYS A 295 9.46 12.36 7.22
N ASN A 296 9.59 12.47 5.91
CA ASN A 296 9.16 11.39 5.04
C ASN A 296 9.88 10.12 5.41
N LEU A 297 9.20 9.01 5.22
CA LEU A 297 9.82 7.71 5.34
C LEU A 297 10.45 7.37 3.99
N LYS A 298 11.78 7.42 3.93
CA LYS A 298 12.53 7.16 2.72
C LYS A 298 13.31 5.91 2.97
N THR A 299 13.30 4.98 2.04
CA THR A 299 14.10 3.79 2.26
C THR A 299 14.92 3.51 1.03
N GLN A 300 15.84 2.59 1.16
CA GLN A 300 16.66 2.22 0.05
C GLN A 300 17.07 0.80 0.29
N VAL A 301 16.91 -0.05 -0.72
CA VAL A 301 17.41 -1.42 -0.64
C VAL A 301 18.48 -1.62 -1.71
N ILE A 302 19.54 -2.31 -1.31
CA ILE A 302 20.71 -2.49 -2.14
C ILE A 302 21.09 -3.97 -2.21
N GLN A 303 21.36 -4.46 -3.42
CA GLN A 303 21.91 -5.79 -3.56
C GLN A 303 23.27 -5.66 -4.28
N GLU A 304 24.26 -6.39 -3.78
CA GLU A 304 25.55 -6.48 -4.43
C GLU A 304 25.95 -7.91 -4.46
N ASN A 305 26.71 -8.28 -5.48
CA ASN A 305 27.13 -9.65 -5.65
C ASN A 305 28.20 -9.74 -6.73
N VAL A 306 28.66 -10.97 -6.96
CA VAL A 306 29.65 -11.24 -7.98
C VAL A 306 29.13 -12.39 -8.83
N ASP A 307 29.90 -12.75 -9.85
CA ASP A 307 29.59 -13.93 -10.66
C ASP A 307 29.95 -15.15 -9.83
N PRO A 308 29.03 -16.11 -9.71
CA PRO A 308 29.27 -17.26 -8.83
C PRO A 308 30.37 -18.19 -9.36
N VAL A 309 30.67 -18.11 -10.67
CA VAL A 309 31.70 -18.96 -11.26
C VAL A 309 33.11 -18.36 -11.08
N THR A 310 33.29 -17.11 -11.49
CA THR A 310 34.58 -16.44 -11.52
C THR A 310 34.86 -15.54 -10.30
N ASN A 311 33.83 -15.29 -9.49
CA ASN A 311 33.93 -14.30 -8.40
C ASN A 311 34.45 -12.93 -8.83
N ARG A 312 34.10 -12.52 -10.03
CA ARG A 312 34.49 -11.25 -10.62
C ARG A 312 33.17 -10.73 -11.20
N ASP A 313 33.20 -9.66 -12.00
CA ASP A 313 31.96 -9.07 -12.54
C ASP A 313 31.05 -8.54 -11.44
N TYR A 314 31.67 -7.90 -10.46
CA TYR A 314 30.95 -7.31 -9.37
C TYR A 314 29.87 -6.33 -9.86
N SER A 315 28.68 -6.38 -9.27
CA SER A 315 27.65 -5.38 -9.54
C SER A 315 26.83 -5.04 -8.32
N ILE A 316 26.24 -3.85 -8.37
CA ILE A 316 25.46 -3.32 -7.28
C ILE A 316 24.23 -2.61 -7.88
N PHE A 317 23.10 -2.75 -7.18
CA PHE A 317 21.85 -2.15 -7.60
C PHE A 317 21.10 -1.68 -6.38
N GLY A 318 20.41 -0.56 -6.52
CA GLY A 318 19.70 0.08 -5.43
C GLY A 318 18.31 0.51 -5.85
N TRP A 319 17.41 0.57 -4.87
CA TRP A 319 16.03 0.92 -5.14
C TRP A 319 15.46 1.77 -4.00
N ASN A 320 14.96 2.94 -4.36
CA ASN A 320 14.34 3.89 -3.45
C ASN A 320 12.82 3.76 -3.27
N ASN A 321 12.37 4.00 -2.03
CA ASN A 321 10.95 4.12 -1.73
C ASN A 321 10.74 5.36 -0.91
N GLU A 322 9.52 5.88 -0.93
CA GLU A 322 9.15 7.12 -0.26
C GLU A 322 7.65 7.25 -0.25
N ASN A 323 7.20 7.36 1.00
N ASN A 323 6.93 7.51 0.84
CA ASN A 323 5.85 7.59 1.43
CA ASN A 323 5.43 7.47 0.64
C ASN A 323 5.95 8.65 2.51
C ASN A 323 4.56 8.78 0.58
N VAL A 324 4.90 9.46 2.67
N VAL A 324 3.61 8.87 -0.36
CA VAL A 324 4.83 10.50 3.68
CA VAL A 324 2.80 10.10 -0.61
C VAL A 324 4.36 9.87 5.00
C VAL A 324 1.28 10.01 -0.36
N VAL A 325 4.85 10.38 6.12
N VAL A 325 0.75 10.89 0.51
CA VAL A 325 4.66 9.74 7.42
CA VAL A 325 -0.63 10.74 0.99
C VAL A 325 3.42 10.26 8.15
C VAL A 325 -1.69 11.30 0.02
N TRP B 3 22.40 2.18 -6.97
CA TRP B 3 22.00 2.74 -5.65
C TRP B 3 20.79 3.69 -5.73
N ASN B 4 19.97 3.64 -6.79
CA ASN B 4 19.07 4.78 -7.06
C ASN B 4 18.00 4.70 -8.20
N SER B 5 17.33 3.58 -8.41
CA SER B 5 16.06 3.66 -9.18
C SER B 5 14.91 3.70 -8.19
N GLY B 6 13.67 3.89 -8.61
CA GLY B 6 12.66 4.18 -7.59
C GLY B 6 11.21 3.74 -7.75
N SER B 7 10.53 3.66 -6.63
CA SER B 7 9.16 3.14 -6.55
C SER B 7 8.42 3.93 -5.47
N SER B 8 7.19 4.38 -5.76
CA SER B 8 6.40 5.06 -4.72
C SER B 8 4.93 4.61 -4.52
N GLY B 9 4.52 4.69 -3.25
CA GLY B 9 3.16 4.35 -2.87
C GLY B 9 2.29 5.56 -2.57
N THR B 10 1.02 5.28 -2.32
CA THR B 10 0.02 6.32 -2.08
C THR B 10 -1.17 5.76 -1.27
N GLY B 11 -1.61 6.52 -0.30
CA GLY B 11 -2.72 6.12 0.51
C GLY B 11 -3.44 7.33 1.07
N SER B 12 -4.50 7.06 1.81
CA SER B 12 -5.27 8.12 2.40
C SER B 12 -5.25 8.13 3.92
N THR B 13 -5.30 9.36 4.41
CA THR B 13 -5.25 9.71 5.80
C THR B 13 -6.70 10.08 6.28
N GLY B 14 -7.66 10.06 5.36
CA GLY B 14 -9.06 10.36 5.70
C GLY B 14 -9.27 11.71 6.37
#